data_3BEJ
#
_entry.id   3BEJ
#
_cell.length_a   41.642
_cell.length_b   90.889
_cell.length_c   129.651
_cell.angle_alpha   90.000
_cell.angle_beta   90.000
_cell.angle_gamma   90.000
#
_symmetry.space_group_name_H-M   'P 21 21 21'
#
loop_
_entity.id
_entity.type
_entity.pdbx_description
1 polymer 'Bile acid receptor'
2 polymer 'Nuclear receptor coactivator 1'
3 non-polymer 'YTTRIUM (III) ION'
4 non-polymer '(8alpha,10alpha,13alpha,17beta)-17-[(4-hydroxyphenyl)carbonyl]androsta-3,5-diene-3-carboxylic acid'
5 water water
#
loop_
_entity_poly.entity_id
_entity_poly.type
_entity_poly.pdbx_seq_one_letter_code
_entity_poly.pdbx_strand_id
1 'polypeptide(L)'
;TTKSCREKTELTPDQQTLLHFIMDSYNKQRMPQEITNKILKEEFSAEENFLILTEMATNHVQVLVEFTKKLPGFQTLDHE
DQIALLKGSAVEAMFLRSAEIFNKKLPSGHSDLLEERIRNSGISDEYITPMFSFYKSIGELKMTQEEYALLTAIVILSPD
RQYIKDREAVEKLQEPLLDVLQKLCKIHQPENPQHFACLLGRLTELRTFNHHHAEMLMSWRVNDHKFTPLLCEIWDVQ
;
A,B
2 'polypeptide(L)' CPSSHSSLTERHKILHRLLQEGSPS E,F
#
loop_
_chem_comp.id
_chem_comp.type
_chem_comp.name
_chem_comp.formula
MUF non-polymer '(8alpha,10alpha,13alpha,17beta)-17-[(4-hydroxyphenyl)carbonyl]androsta-3,5-diene-3-carboxylic acid' 'C27 H32 O4'
YT3 non-polymer 'YTTRIUM (III) ION' 'Y 3'
#
# COMPACT_ATOMS: atom_id res chain seq x y z
N LEU A 11 8.03 -16.28 32.84
CA LEU A 11 8.87 -16.49 31.66
C LEU A 11 9.91 -17.60 31.91
N THR A 12 10.28 -18.38 30.90
CA THR A 12 11.34 -19.37 31.10
C THR A 12 12.65 -18.59 31.08
N PRO A 13 13.76 -19.23 31.47
CA PRO A 13 15.00 -18.46 31.42
C PRO A 13 15.36 -18.00 29.99
N ASP A 14 15.10 -18.84 28.99
CA ASP A 14 15.41 -18.47 27.62
C ASP A 14 14.56 -17.27 27.19
N GLN A 15 13.35 -17.21 27.70
CA GLN A 15 12.48 -16.08 27.37
C GLN A 15 12.94 -14.80 28.07
N GLN A 16 13.41 -14.91 29.33
CA GLN A 16 13.91 -13.77 30.09
C GLN A 16 15.18 -13.29 29.39
N THR A 17 15.98 -14.21 28.86
CA THR A 17 17.21 -13.83 28.16
C THR A 17 16.87 -13.02 26.92
N LEU A 18 15.91 -13.52 26.16
CA LEU A 18 15.46 -12.87 24.93
C LEU A 18 14.94 -11.46 25.27
N LEU A 19 14.12 -11.35 26.29
CA LEU A 19 13.59 -10.04 26.67
C LEU A 19 14.67 -9.11 27.20
N HIS A 20 15.57 -9.64 28.02
CA HIS A 20 16.65 -8.82 28.58
C HIS A 20 17.47 -8.20 27.46
N PHE A 21 17.80 -8.95 26.41
CA PHE A 21 18.57 -8.31 25.34
C PHE A 21 17.78 -7.30 24.51
N ILE A 22 16.51 -7.60 24.27
CA ILE A 22 15.66 -6.67 23.53
C ILE A 22 15.54 -5.36 24.34
N MET A 23 15.41 -5.47 25.64
CA MET A 23 15.27 -4.27 26.49
C MET A 23 16.56 -3.47 26.59
N ASP A 24 17.69 -4.18 26.59
CA ASP A 24 18.99 -3.52 26.68
C ASP A 24 19.12 -2.60 25.47
N SER A 25 18.83 -3.14 24.28
CA SER A 25 18.92 -2.33 23.09
C SER A 25 17.84 -1.27 22.95
N TYR A 26 16.60 -1.63 23.27
CA TYR A 26 15.50 -0.67 23.12
C TYR A 26 15.66 0.47 24.09
N ASN A 27 16.29 0.20 25.22
CA ASN A 27 16.51 1.22 26.23
C ASN A 27 17.64 2.19 25.87
N LYS A 28 18.18 2.04 24.68
CA LYS A 28 19.27 2.91 24.21
C LYS A 28 18.69 3.97 23.25
N GLN A 29 17.43 3.79 22.87
CA GLN A 29 16.81 4.72 21.95
C GLN A 29 16.42 5.98 22.69
N ARG A 30 16.82 7.12 22.12
CA ARG A 30 16.56 8.41 22.73
C ARG A 30 16.91 9.49 21.70
N MET A 31 16.09 10.53 21.64
CA MET A 31 16.37 11.61 20.70
C MET A 31 17.71 12.29 21.05
N PRO A 32 18.61 12.37 20.06
CA PRO A 32 19.92 13.03 20.17
C PRO A 32 19.69 14.47 20.69
N GLN A 33 20.61 15.00 21.50
CA GLN A 33 20.39 16.36 22.01
C GLN A 33 20.31 17.46 20.95
N GLU A 34 21.17 17.39 19.94
CA GLU A 34 21.18 18.40 18.90
C GLU A 34 19.79 18.46 18.26
N ILE A 35 19.12 17.32 18.15
CA ILE A 35 17.81 17.34 17.51
C ILE A 35 16.85 18.00 18.48
N THR A 36 16.87 17.54 19.73
CA THR A 36 16.03 18.11 20.75
C THR A 36 16.21 19.63 20.75
N ASN A 37 17.46 20.08 20.73
CA ASN A 37 17.70 21.53 20.71
C ASN A 37 17.05 22.25 19.53
N LYS A 38 17.04 21.62 18.35
CA LYS A 38 16.44 22.20 17.14
C LYS A 38 14.89 22.31 17.32
N ILE A 39 14.31 21.29 17.93
CA ILE A 39 12.87 21.25 18.16
C ILE A 39 12.47 22.52 18.94
N LEU A 40 13.36 22.98 19.80
CA LEU A 40 13.10 24.17 20.61
C LEU A 40 13.43 25.51 19.94
N LYS A 41 14.49 25.55 19.16
CA LYS A 41 14.98 26.81 18.60
C LYS A 41 15.00 27.08 17.11
N GLU A 42 14.84 26.06 16.30
CA GLU A 42 14.92 26.28 14.87
C GLU A 42 13.77 27.21 14.48
N GLU A 43 13.85 27.82 13.30
CA GLU A 43 12.77 28.68 12.86
C GLU A 43 11.53 27.81 12.73
N PHE A 44 10.36 28.46 12.70
CA PHE A 44 9.09 27.75 12.56
C PHE A 44 8.53 28.02 11.18
N SER A 45 8.55 26.99 10.36
CA SER A 45 8.03 27.08 9.00
C SER A 45 7.79 25.67 8.50
N ALA A 46 6.90 25.54 7.53
CA ALA A 46 6.60 24.25 6.95
C ALA A 46 7.87 23.55 6.48
N GLU A 47 8.69 24.29 5.73
CA GLU A 47 9.93 23.72 5.19
C GLU A 47 10.91 23.27 6.25
N GLU A 48 11.08 24.11 7.26
CA GLU A 48 12.00 23.83 8.36
C GLU A 48 11.53 22.63 9.18
N ASN A 49 10.23 22.60 9.44
CA ASN A 49 9.61 21.55 10.21
C ASN A 49 9.76 20.24 9.49
N PHE A 50 9.58 20.25 8.18
CA PHE A 50 9.77 19.03 7.43
C PHE A 50 11.22 18.59 7.59
N LEU A 51 12.15 19.54 7.51
CA LEU A 51 13.56 19.20 7.59
C LEU A 51 13.86 18.56 8.93
N ILE A 52 13.35 19.16 10.01
CA ILE A 52 13.60 18.60 11.33
C ILE A 52 13.07 17.17 11.40
N LEU A 53 11.83 16.98 10.95
CA LEU A 53 11.19 15.67 10.92
C LEU A 53 11.99 14.71 10.06
N THR A 54 12.51 15.20 8.93
CA THR A 54 13.28 14.31 8.03
C THR A 54 14.57 13.80 8.67
N GLU A 55 15.17 14.63 9.53
CA GLU A 55 16.41 14.27 10.23
C GLU A 55 16.11 13.27 11.34
N MET A 56 15.03 13.50 12.07
CA MET A 56 14.60 12.57 13.11
C MET A 56 14.28 11.22 12.47
N ALA A 57 13.64 11.25 11.29
CA ALA A 57 13.28 9.99 10.62
C ALA A 57 14.54 9.25 10.14
N THR A 58 15.42 9.97 9.47
CA THR A 58 16.65 9.37 8.94
C THR A 58 17.41 8.70 10.09
N ASN A 59 17.52 9.41 11.21
CA ASN A 59 18.24 8.87 12.35
C ASN A 59 17.51 7.68 12.92
N HIS A 60 16.19 7.74 12.96
CA HIS A 60 15.45 6.62 13.53
C HIS A 60 15.54 5.37 12.68
N VAL A 61 15.65 5.53 11.38
CA VAL A 61 15.79 4.34 10.55
C VAL A 61 17.11 3.67 10.96
N GLN A 62 18.13 4.48 11.26
CA GLN A 62 19.43 3.94 11.62
C GLN A 62 19.35 3.22 12.96
N VAL A 63 18.60 3.76 13.88
CA VAL A 63 18.41 3.08 15.14
C VAL A 63 17.60 1.80 14.95
N LEU A 64 16.59 1.83 14.09
CA LEU A 64 15.86 0.58 13.83
C LEU A 64 16.78 -0.52 13.26
N VAL A 65 17.63 -0.15 12.30
CA VAL A 65 18.53 -1.09 11.67
C VAL A 65 19.35 -1.82 12.73
N GLU A 66 19.88 -1.06 13.67
CA GLU A 66 20.70 -1.63 14.72
C GLU A 66 19.91 -2.51 15.67
N PHE A 67 18.73 -2.05 16.06
CA PHE A 67 17.89 -2.81 16.95
C PHE A 67 17.50 -4.14 16.29
N THR A 68 17.17 -4.09 15.00
CA THR A 68 16.76 -5.28 14.27
C THR A 68 17.92 -6.25 14.19
N LYS A 69 19.11 -5.72 13.95
CA LYS A 69 20.32 -6.54 13.85
C LYS A 69 20.50 -7.40 15.09
N LYS A 70 19.93 -6.96 16.21
CA LYS A 70 20.06 -7.72 17.47
C LYS A 70 18.92 -8.70 17.72
N LEU A 71 17.84 -8.58 16.97
CA LEU A 71 16.75 -9.50 17.19
C LEU A 71 17.30 -10.87 16.85
N PRO A 72 17.15 -11.83 17.77
CA PRO A 72 17.67 -13.19 17.60
C PRO A 72 17.22 -13.87 16.32
N GLY A 73 18.20 -14.37 15.57
CA GLY A 73 17.95 -15.10 14.34
C GLY A 73 17.82 -14.23 13.12
N PHE A 74 17.42 -12.98 13.35
CA PHE A 74 17.25 -12.03 12.25
C PHE A 74 18.41 -12.05 11.25
N GLN A 75 19.58 -11.66 11.76
CA GLN A 75 20.84 -11.52 11.04
C GLN A 75 21.47 -12.82 10.54
N THR A 76 20.62 -13.82 10.29
CA THR A 76 21.03 -15.12 9.83
C THR A 76 20.00 -15.48 8.77
N LEU A 77 19.19 -14.50 8.42
CA LEU A 77 18.17 -14.68 7.42
C LEU A 77 18.76 -14.25 6.10
N ASP A 78 18.13 -14.69 5.02
CA ASP A 78 18.56 -14.35 3.68
C ASP A 78 18.83 -12.83 3.59
N HIS A 79 20.12 -12.47 3.56
CA HIS A 79 20.60 -11.07 3.48
C HIS A 79 19.91 -10.28 2.36
N GLU A 80 18.58 -10.32 2.34
CA GLU A 80 17.75 -9.66 1.33
C GLU A 80 16.29 -9.77 1.77
N ASP A 81 15.94 -10.89 2.38
CA ASP A 81 14.62 -11.07 2.93
C ASP A 81 14.71 -10.10 4.14
N GLN A 82 15.96 -9.78 4.52
CA GLN A 82 16.23 -8.85 5.60
C GLN A 82 15.81 -7.47 5.12
N ILE A 83 16.17 -7.16 3.87
CA ILE A 83 15.81 -5.87 3.29
C ILE A 83 14.29 -5.75 3.23
N ALA A 84 13.62 -6.85 2.88
CA ALA A 84 12.17 -6.82 2.81
C ALA A 84 11.58 -6.35 4.15
N LEU A 85 12.04 -6.96 5.24
CA LEU A 85 11.56 -6.64 6.60
C LEU A 85 11.77 -5.19 7.00
N LEU A 86 13.01 -4.71 6.99
CA LEU A 86 13.28 -3.31 7.40
C LEU A 86 12.54 -2.28 6.51
N LYS A 87 12.52 -2.58 5.22
CA LYS A 87 11.85 -1.72 4.25
C LYS A 87 10.38 -1.71 4.54
N GLY A 88 9.82 -2.88 4.76
CA GLY A 88 8.40 -3.03 5.04
C GLY A 88 7.91 -2.53 6.37
N SER A 89 8.78 -2.51 7.39
CA SER A 89 8.35 -2.12 8.73
C SER A 89 8.75 -0.75 9.24
N ALA A 90 9.58 -0.05 8.48
CA ALA A 90 10.05 1.25 8.95
C ALA A 90 8.95 2.24 9.40
N VAL A 91 7.93 2.36 8.58
CA VAL A 91 6.81 3.26 8.89
C VAL A 91 6.09 2.84 10.14
N GLU A 92 5.72 1.57 10.23
CA GLU A 92 4.99 1.12 11.40
C GLU A 92 5.83 1.31 12.68
N ALA A 93 7.11 0.98 12.62
CA ALA A 93 7.98 1.16 13.78
C ALA A 93 8.09 2.62 14.23
N MET A 94 8.22 3.53 13.27
CA MET A 94 8.34 4.94 13.57
C MET A 94 7.08 5.49 14.21
N PHE A 95 5.91 5.06 13.70
CA PHE A 95 4.65 5.56 14.26
C PHE A 95 4.40 4.98 15.64
N LEU A 96 4.83 3.74 15.86
CA LEU A 96 4.71 3.14 17.19
C LEU A 96 5.65 3.90 18.14
N ARG A 97 6.89 4.12 17.73
CA ARG A 97 7.83 4.91 18.56
C ARG A 97 7.24 6.29 18.88
N SER A 98 6.75 7.00 17.87
CA SER A 98 6.16 8.32 18.14
C SER A 98 4.99 8.21 19.13
N ALA A 99 4.17 7.16 19.05
CA ALA A 99 3.05 7.01 20.02
C ALA A 99 3.59 6.88 21.46
N GLU A 100 4.68 6.15 21.57
CA GLU A 100 5.32 6.00 22.86
C GLU A 100 5.79 7.34 23.42
N ILE A 101 6.47 8.12 22.60
CA ILE A 101 6.97 9.39 23.10
C ILE A 101 5.92 10.46 23.41
N PHE A 102 4.86 10.51 22.61
CA PHE A 102 3.76 11.45 22.85
C PHE A 102 2.98 11.04 24.09
N ASN A 103 3.09 9.79 24.50
CA ASN A 103 2.40 9.38 25.70
C ASN A 103 3.24 9.51 26.97
N LYS A 104 4.56 9.62 26.80
CA LYS A 104 5.51 9.78 27.89
C LYS A 104 5.66 11.26 28.23
N LYS A 105 5.76 12.08 27.18
CA LYS A 105 5.95 13.54 27.27
C LYS A 105 7.38 14.04 27.54
N GLY A 109 6.76 19.09 28.65
CA GLY A 109 6.20 18.58 27.40
C GLY A 109 7.28 18.17 26.42
N HIS A 110 8.02 19.16 25.90
CA HIS A 110 9.08 18.90 24.92
C HIS A 110 8.44 18.38 23.64
N SER A 111 7.63 17.34 23.82
CA SER A 111 6.92 16.69 22.74
C SER A 111 5.75 17.62 22.40
N ASP A 112 5.43 18.50 23.35
CA ASP A 112 4.38 19.48 23.15
C ASP A 112 4.83 20.34 21.97
N LEU A 113 6.11 20.70 21.98
CA LEU A 113 6.69 21.48 20.89
C LEU A 113 6.80 20.67 19.58
N LEU A 114 7.14 19.39 19.73
CA LEU A 114 7.32 18.54 18.55
C LEU A 114 6.00 18.44 17.79
N GLU A 115 4.90 18.40 18.52
CA GLU A 115 3.59 18.32 17.94
C GLU A 115 3.24 19.57 17.17
N GLU A 116 3.62 20.72 17.69
CA GLU A 116 3.34 21.97 17.01
C GLU A 116 4.07 21.96 15.68
N ARG A 117 5.29 21.40 15.63
CA ARG A 117 6.05 21.33 14.38
C ARG A 117 5.39 20.34 13.41
N ILE A 118 4.95 19.22 13.96
CA ILE A 118 4.30 18.18 13.13
C ILE A 118 3.03 18.79 12.48
N ARG A 119 2.33 19.64 13.24
CA ARG A 119 1.10 20.29 12.74
C ARG A 119 1.32 21.42 11.73
N ASN A 120 2.58 21.68 11.38
CA ASN A 120 2.87 22.68 10.35
C ASN A 120 4.13 22.24 9.65
N SER A 121 4.05 21.07 9.03
CA SER A 121 5.17 20.48 8.33
C SER A 121 4.77 19.98 6.95
N GLY A 122 3.62 20.46 6.45
CA GLY A 122 3.14 20.06 5.14
C GLY A 122 2.35 18.77 5.12
N ILE A 123 1.91 18.35 6.30
CA ILE A 123 1.11 17.14 6.45
C ILE A 123 -0.35 17.57 6.42
N SER A 124 -1.10 17.07 5.45
CA SER A 124 -2.52 17.43 5.29
C SER A 124 -3.31 17.05 6.50
N ASP A 125 -4.31 17.84 6.82
CA ASP A 125 -5.16 17.58 7.99
C ASP A 125 -5.79 16.19 8.04
N GLU A 126 -6.06 15.57 6.88
CA GLU A 126 -6.65 14.20 6.90
C GLU A 126 -5.72 13.13 7.45
N TYR A 127 -4.42 13.41 7.49
CA TYR A 127 -3.44 12.45 8.06
C TYR A 127 -3.04 12.85 9.48
N ILE A 128 -3.12 14.15 9.75
CA ILE A 128 -2.86 14.64 11.10
C ILE A 128 -3.89 14.00 12.03
N THR A 129 -5.16 14.03 11.60
CA THR A 129 -6.21 13.45 12.42
C THR A 129 -6.02 12.03 12.95
N PRO A 130 -5.76 11.06 12.06
CA PRO A 130 -5.56 9.68 12.48
C PRO A 130 -4.26 9.47 13.27
N MET A 131 -3.24 10.29 13.00
CA MET A 131 -1.97 10.21 13.74
C MET A 131 -2.23 10.53 15.23
N PHE A 132 -2.92 11.64 15.53
CA PHE A 132 -3.21 12.01 16.92
C PHE A 132 -4.28 11.13 17.59
N SER A 133 -5.18 10.57 16.79
CA SER A 133 -6.16 9.65 17.36
C SER A 133 -5.48 8.32 17.74
N PHE A 134 -4.54 7.88 16.91
CA PHE A 134 -3.80 6.63 17.22
C PHE A 134 -3.00 6.83 18.52
N TYR A 135 -2.40 8.01 18.68
CA TYR A 135 -1.63 8.29 19.88
C TYR A 135 -2.51 8.20 21.11
N LYS A 136 -3.71 8.76 21.00
CA LYS A 136 -4.63 8.76 22.13
C LYS A 136 -5.04 7.33 22.44
N SER A 137 -5.25 6.52 21.42
CA SER A 137 -5.60 5.11 21.61
C SER A 137 -4.48 4.28 22.23
N ILE A 138 -3.23 4.66 21.98
CA ILE A 138 -2.11 3.94 22.54
C ILE A 138 -1.94 4.37 23.99
N GLY A 139 -2.16 5.67 24.20
CA GLY A 139 -2.06 6.24 25.52
C GLY A 139 -2.97 5.48 26.45
N GLU A 140 -4.11 5.04 25.91
CA GLU A 140 -5.14 4.33 26.65
C GLU A 140 -4.78 2.97 27.18
N LEU A 141 -3.86 2.30 26.50
CA LEU A 141 -3.49 0.96 26.90
C LEU A 141 -2.47 0.95 28.04
N LYS A 142 -1.97 2.11 28.42
CA LYS A 142 -0.97 2.22 29.48
C LYS A 142 0.17 1.19 29.28
N MET A 143 0.79 1.21 28.10
CA MET A 143 1.85 0.27 27.81
C MET A 143 3.15 0.47 28.56
N THR A 144 3.80 -0.65 28.89
CA THR A 144 5.08 -0.64 29.57
C THR A 144 6.16 -0.57 28.50
N GLN A 145 7.40 -0.32 28.93
CA GLN A 145 8.51 -0.25 28.00
C GLN A 145 8.65 -1.62 27.31
N GLU A 146 8.45 -2.71 28.06
CA GLU A 146 8.58 -4.08 27.50
C GLU A 146 7.59 -4.30 26.38
N GLU A 147 6.38 -3.84 26.59
CA GLU A 147 5.36 -3.93 25.54
C GLU A 147 5.77 -3.13 24.28
N TYR A 148 6.25 -1.90 24.44
CA TYR A 148 6.68 -1.10 23.28
C TYR A 148 7.86 -1.81 22.59
N ALA A 149 8.82 -2.29 23.38
CA ALA A 149 9.98 -2.96 22.79
C ALA A 149 9.60 -4.24 22.04
N LEU A 150 8.83 -5.10 22.69
CA LEU A 150 8.41 -6.36 22.05
C LEU A 150 7.54 -6.10 20.81
N LEU A 151 6.59 -5.18 20.90
CA LEU A 151 5.72 -4.87 19.74
C LEU A 151 6.53 -4.35 18.54
N THR A 152 7.53 -3.52 18.81
CA THR A 152 8.36 -3.02 17.73
C THR A 152 9.06 -4.22 17.08
N ALA A 153 9.66 -5.07 17.91
CA ALA A 153 10.35 -6.27 17.42
C ALA A 153 9.39 -7.11 16.58
N ILE A 154 8.15 -7.23 17.05
CA ILE A 154 7.15 -7.99 16.34
C ILE A 154 6.78 -7.36 14.99
N VAL A 155 6.66 -6.03 14.99
CA VAL A 155 6.36 -5.27 13.79
C VAL A 155 7.43 -5.53 12.73
N ILE A 156 8.68 -5.36 13.13
CA ILE A 156 9.82 -5.59 12.25
C ILE A 156 9.86 -7.00 11.68
N LEU A 157 9.68 -7.99 12.55
CA LEU A 157 9.69 -9.39 12.13
C LEU A 157 8.36 -9.92 11.58
N SER A 158 7.63 -9.08 10.83
CA SER A 158 6.37 -9.49 10.21
C SER A 158 6.62 -10.33 8.91
N PRO A 159 5.97 -11.51 8.78
CA PRO A 159 6.13 -12.41 7.62
C PRO A 159 5.29 -12.06 6.39
N ASP A 160 4.57 -10.94 6.43
CA ASP A 160 3.72 -10.55 5.33
C ASP A 160 4.27 -9.49 4.39
N ARG A 161 5.47 -8.98 4.65
CA ARG A 161 5.99 -7.92 3.81
C ARG A 161 5.95 -8.24 2.31
N GLN A 162 5.79 -7.21 1.51
CA GLN A 162 5.70 -7.37 0.06
C GLN A 162 6.72 -8.32 -0.56
N TYR A 163 8.02 -8.07 -0.33
CA TYR A 163 9.08 -8.92 -0.93
C TYR A 163 9.57 -10.12 -0.11
N ILE A 164 8.69 -10.77 0.64
CA ILE A 164 9.16 -11.89 1.43
C ILE A 164 9.14 -13.22 0.66
N LYS A 165 10.33 -13.77 0.44
CA LYS A 165 10.47 -15.06 -0.22
C LYS A 165 10.25 -16.15 0.83
N ASP A 166 11.13 -16.13 1.82
CA ASP A 166 11.11 -17.06 2.95
C ASP A 166 10.15 -16.58 4.04
N ARG A 167 8.84 -16.61 3.79
CA ARG A 167 7.90 -16.16 4.80
C ARG A 167 7.91 -17.08 6.03
N GLU A 168 8.07 -18.38 5.80
CA GLU A 168 8.11 -19.31 6.93
C GLU A 168 9.24 -19.08 7.91
N ALA A 169 10.42 -18.68 7.43
CA ALA A 169 11.54 -18.47 8.35
C ALA A 169 11.28 -17.28 9.25
N VAL A 170 10.72 -16.22 8.67
CA VAL A 170 10.46 -15.01 9.43
C VAL A 170 9.47 -15.36 10.50
N GLU A 171 8.43 -16.08 10.07
CA GLU A 171 7.38 -16.55 10.95
C GLU A 171 8.00 -17.22 12.18
N LYS A 172 9.02 -18.07 11.96
CA LYS A 172 9.69 -18.78 13.07
C LYS A 172 10.37 -17.84 14.06
N LEU A 173 10.96 -16.76 13.59
CA LEU A 173 11.63 -15.82 14.49
C LEU A 173 10.67 -14.87 15.24
N GLN A 174 9.49 -14.66 14.68
CA GLN A 174 8.49 -13.76 15.27
C GLN A 174 7.76 -14.45 16.41
N GLU A 175 7.40 -15.71 16.17
CA GLU A 175 6.68 -16.53 17.14
C GLU A 175 7.15 -16.38 18.57
N PRO A 176 8.45 -16.59 18.81
CA PRO A 176 8.87 -16.51 20.21
C PRO A 176 8.57 -15.17 20.86
N LEU A 177 8.63 -14.08 20.08
CA LEU A 177 8.35 -12.74 20.60
C LEU A 177 6.90 -12.63 21.00
N LEU A 178 6.01 -13.08 20.11
CA LEU A 178 4.58 -13.07 20.35
C LEU A 178 4.34 -13.86 21.65
N ASP A 179 5.02 -14.99 21.81
CA ASP A 179 4.88 -15.78 23.04
C ASP A 179 5.35 -14.98 24.28
N VAL A 180 6.49 -14.32 24.18
CA VAL A 180 6.94 -13.53 25.34
C VAL A 180 5.94 -12.45 25.70
N LEU A 181 5.47 -11.72 24.71
CA LEU A 181 4.49 -10.64 24.97
C LEU A 181 3.25 -11.20 25.69
N GLN A 182 2.71 -12.30 25.16
CA GLN A 182 1.54 -12.93 25.74
C GLN A 182 1.73 -13.21 27.25
N LYS A 183 2.84 -13.83 27.62
CA LYS A 183 3.12 -14.10 29.02
C LYS A 183 3.25 -12.81 29.83
N LEU A 184 3.95 -11.83 29.28
CA LEU A 184 4.10 -10.54 29.98
C LEU A 184 2.74 -9.97 30.29
N CYS A 185 1.84 -9.98 29.31
CA CYS A 185 0.50 -9.44 29.54
C CYS A 185 -0.21 -10.15 30.70
N LYS A 186 -0.04 -11.47 30.77
CA LYS A 186 -0.66 -12.24 31.85
C LYS A 186 -0.03 -11.93 33.21
N ILE A 187 1.28 -11.63 33.21
CA ILE A 187 2.01 -11.34 34.45
C ILE A 187 1.75 -9.96 35.01
N HIS A 188 1.79 -8.96 34.15
CA HIS A 188 1.59 -7.60 34.61
C HIS A 188 0.16 -7.05 34.54
N GLN A 189 -0.76 -7.82 33.98
CA GLN A 189 -2.16 -7.39 33.90
C GLN A 189 -3.05 -8.61 33.99
N PRO A 190 -2.93 -9.35 35.09
CA PRO A 190 -3.70 -10.57 35.36
C PRO A 190 -5.17 -10.21 35.45
N GLU A 191 -5.46 -8.95 35.72
CA GLU A 191 -6.86 -8.53 35.83
C GLU A 191 -7.38 -7.85 34.57
N ASN A 192 -6.65 -7.99 33.47
CA ASN A 192 -7.03 -7.43 32.17
C ASN A 192 -6.62 -8.49 31.13
N PRO A 193 -7.30 -9.65 31.12
CA PRO A 193 -6.98 -10.79 30.24
C PRO A 193 -6.99 -10.50 28.74
N GLN A 194 -7.78 -9.52 28.31
CA GLN A 194 -7.83 -9.19 26.89
C GLN A 194 -6.82 -8.11 26.51
N HIS A 195 -5.91 -7.79 27.41
CA HIS A 195 -4.92 -6.75 27.13
C HIS A 195 -4.12 -7.13 25.91
N PHE A 196 -3.65 -8.38 25.86
CA PHE A 196 -2.86 -8.86 24.75
C PHE A 196 -3.62 -8.66 23.42
N ALA A 197 -4.88 -9.06 23.37
CA ALA A 197 -5.71 -8.92 22.17
C ALA A 197 -5.78 -7.46 21.80
N CYS A 198 -5.86 -6.62 22.81
CA CYS A 198 -5.93 -5.19 22.58
C CYS A 198 -4.68 -4.69 21.86
N LEU A 199 -3.52 -5.15 22.32
CA LEU A 199 -2.24 -4.75 21.74
C LEU A 199 -2.19 -5.21 20.28
N LEU A 200 -2.66 -6.44 20.02
CA LEU A 200 -2.67 -6.90 18.64
C LEU A 200 -3.58 -6.08 17.73
N GLY A 201 -4.68 -5.54 18.27
CA GLY A 201 -5.60 -4.74 17.49
C GLY A 201 -4.95 -3.41 17.15
N ARG A 202 -4.21 -2.85 18.09
CA ARG A 202 -3.48 -1.59 17.90
C ARG A 202 -2.44 -1.79 16.77
N LEU A 203 -1.93 -3.00 16.62
CA LEU A 203 -0.94 -3.25 15.56
C LEU A 203 -1.66 -3.15 14.21
N THR A 204 -2.95 -3.47 14.22
CA THR A 204 -3.77 -3.39 13.03
C THR A 204 -3.98 -1.92 12.63
N GLU A 205 -4.31 -1.07 13.60
CA GLU A 205 -4.51 0.36 13.30
C GLU A 205 -3.17 0.90 12.81
N LEU A 206 -2.08 0.43 13.41
CA LEU A 206 -0.73 0.83 13.03
C LEU A 206 -0.44 0.61 11.55
N ARG A 207 -0.91 -0.51 11.01
CA ARG A 207 -0.65 -0.80 9.59
C ARG A 207 -1.29 0.21 8.64
N THR A 208 -2.34 0.89 9.07
CA THR A 208 -2.98 1.88 8.17
C THR A 208 -2.00 3.01 7.90
N PHE A 209 -0.99 3.18 8.74
CA PHE A 209 -0.01 4.28 8.53
C PHE A 209 0.86 4.05 7.31
N ASN A 210 0.91 2.83 6.80
CA ASN A 210 1.64 2.60 5.56
C ASN A 210 0.97 3.43 4.47
N HIS A 211 -0.35 3.46 4.47
CA HIS A 211 -1.10 4.28 3.50
C HIS A 211 -1.04 5.78 3.82
N HIS A 212 -1.23 6.14 5.10
CA HIS A 212 -1.17 7.56 5.46
C HIS A 212 0.17 8.08 5.07
N HIS A 213 1.22 7.34 5.43
CA HIS A 213 2.59 7.78 5.12
C HIS A 213 2.87 7.92 3.64
N ALA A 214 2.35 6.99 2.82
CA ALA A 214 2.54 7.05 1.37
C ALA A 214 1.84 8.29 0.80
N GLU A 215 0.67 8.63 1.35
CA GLU A 215 -0.07 9.86 0.91
C GLU A 215 0.74 11.10 1.32
N MET A 216 1.33 11.07 2.51
CA MET A 216 2.21 12.18 2.98
C MET A 216 3.41 12.35 2.03
N LEU A 217 4.06 11.22 1.63
CA LEU A 217 5.16 11.27 0.67
C LEU A 217 4.68 11.91 -0.63
N MET A 218 3.47 11.57 -1.07
CA MET A 218 2.93 12.17 -2.30
C MET A 218 2.78 13.68 -2.16
N SER A 219 2.14 14.12 -1.09
CA SER A 219 1.96 15.57 -0.94
C SER A 219 3.28 16.34 -0.87
N TRP A 220 4.26 15.73 -0.20
CA TRP A 220 5.57 16.35 -0.01
C TRP A 220 6.33 16.43 -1.33
N ARG A 221 6.26 15.36 -2.11
CA ARG A 221 6.95 15.33 -3.40
C ARG A 221 6.35 16.39 -4.29
N VAL A 222 5.02 16.44 -4.33
CA VAL A 222 4.34 17.42 -5.15
C VAL A 222 4.79 18.78 -4.69
N ASN A 223 4.83 18.97 -3.38
CA ASN A 223 5.26 20.22 -2.80
C ASN A 223 6.77 20.40 -2.80
N ASP A 224 7.43 19.62 -3.66
CA ASP A 224 8.86 19.68 -3.88
C ASP A 224 9.82 19.53 -2.69
N HIS A 225 9.50 18.64 -1.75
CA HIS A 225 10.39 18.46 -0.62
C HIS A 225 11.47 17.42 -0.92
N LYS A 226 12.61 17.57 -0.24
CA LYS A 226 13.78 16.71 -0.42
C LYS A 226 13.96 15.81 0.81
N PHE A 227 14.10 14.51 0.58
CA PHE A 227 14.20 13.55 1.66
C PHE A 227 15.53 13.23 2.35
N THR A 228 16.37 12.41 1.72
CA THR A 228 17.63 11.99 2.30
C THR A 228 17.97 10.76 1.50
N PRO A 229 19.26 10.52 1.25
CA PRO A 229 19.55 9.33 0.47
C PRO A 229 18.96 8.03 1.02
N LEU A 230 19.08 7.81 2.32
CA LEU A 230 18.56 6.59 2.93
C LEU A 230 17.05 6.44 2.81
N LEU A 231 16.32 7.51 3.11
CA LEU A 231 14.87 7.53 3.04
C LEU A 231 14.38 7.38 1.60
N CYS A 232 15.14 7.93 0.65
CA CYS A 232 14.75 7.77 -0.75
C CYS A 232 14.81 6.31 -1.13
N GLU A 233 15.79 5.61 -0.60
CA GLU A 233 15.95 4.19 -0.87
C GLU A 233 14.83 3.35 -0.30
N ILE A 234 14.60 3.50 0.99
CA ILE A 234 13.59 2.67 1.63
C ILE A 234 12.18 2.91 1.12
N TRP A 235 11.86 4.16 0.76
CA TRP A 235 10.51 4.48 0.29
C TRP A 235 10.40 4.67 -1.23
N ASP A 236 11.46 4.31 -1.96
CA ASP A 236 11.45 4.40 -3.44
C ASP A 236 11.10 5.75 -4.07
N VAL A 237 11.62 6.85 -3.54
CA VAL A 237 11.35 8.19 -4.09
C VAL A 237 12.51 8.68 -4.97
N GLU B 10 7.75 -2.73 -36.96
CA GLU B 10 7.06 -3.99 -37.28
C GLU B 10 7.02 -5.00 -36.14
N LEU B 11 5.85 -5.58 -35.94
CA LEU B 11 5.69 -6.61 -34.92
C LEU B 11 6.23 -7.89 -35.57
N THR B 12 6.83 -8.77 -34.78
CA THR B 12 7.28 -10.05 -35.32
C THR B 12 6.01 -10.91 -35.29
N PRO B 13 6.00 -12.07 -35.98
CA PRO B 13 4.83 -12.97 -35.97
C PRO B 13 4.38 -13.40 -34.57
N ASP B 14 5.31 -13.74 -33.67
CA ASP B 14 4.87 -14.12 -32.32
C ASP B 14 4.24 -12.94 -31.59
N GLN B 15 4.78 -11.74 -31.80
CA GLN B 15 4.18 -10.54 -31.18
C GLN B 15 2.78 -10.33 -31.76
N GLN B 16 2.61 -10.58 -33.06
CA GLN B 16 1.28 -10.40 -33.66
C GLN B 16 0.31 -11.43 -33.07
N THR B 17 0.81 -12.62 -32.84
CA THR B 17 0.00 -13.70 -32.28
C THR B 17 -0.45 -13.31 -30.85
N LEU B 18 0.48 -12.82 -30.06
CA LEU B 18 0.22 -12.40 -28.68
C LEU B 18 -0.82 -11.28 -28.66
N LEU B 19 -0.60 -10.26 -29.49
CA LEU B 19 -1.56 -9.14 -29.57
C LEU B 19 -2.91 -9.65 -29.97
N HIS B 20 -2.97 -10.55 -30.94
CA HIS B 20 -4.26 -11.06 -31.39
C HIS B 20 -5.02 -11.71 -30.23
N PHE B 21 -4.34 -12.53 -29.45
CA PHE B 21 -5.01 -13.15 -28.32
C PHE B 21 -5.49 -12.11 -27.34
N ILE B 22 -4.66 -11.10 -27.08
CA ILE B 22 -5.02 -10.03 -26.12
C ILE B 22 -6.26 -9.21 -26.60
N MET B 23 -6.23 -8.83 -27.87
CA MET B 23 -7.33 -8.02 -28.43
C MET B 23 -8.59 -8.84 -28.62
N ASP B 24 -8.45 -10.15 -28.83
CA ASP B 24 -9.65 -10.96 -29.01
C ASP B 24 -10.42 -11.02 -27.65
N SER B 25 -9.68 -11.17 -26.56
CA SER B 25 -10.24 -11.23 -25.20
C SER B 25 -10.76 -9.89 -24.65
N TYR B 26 -10.28 -8.81 -25.26
CA TYR B 26 -10.58 -7.44 -24.84
C TYR B 26 -11.88 -6.72 -25.19
N ASN B 27 -12.49 -6.15 -24.15
CA ASN B 27 -13.67 -5.30 -24.27
C ASN B 27 -14.88 -5.77 -25.04
N LYS B 28 -15.09 -7.08 -25.10
CA LYS B 28 -16.22 -7.65 -25.82
C LYS B 28 -17.59 -7.35 -25.19
N GLN B 29 -17.63 -7.43 -23.87
CA GLN B 29 -18.86 -7.28 -23.09
C GLN B 29 -19.59 -5.99 -23.06
N ARG B 30 -20.82 -6.08 -22.59
CA ARG B 30 -21.70 -4.95 -22.41
C ARG B 30 -22.00 -4.90 -20.91
N MET B 31 -22.25 -3.72 -20.39
CA MET B 31 -22.54 -3.62 -18.98
C MET B 31 -23.87 -4.36 -18.81
N PRO B 32 -24.00 -5.14 -17.74
CA PRO B 32 -25.30 -5.82 -17.57
C PRO B 32 -26.41 -4.78 -17.43
N GLN B 33 -27.51 -5.03 -18.12
CA GLN B 33 -28.68 -4.13 -18.13
C GLN B 33 -29.17 -3.61 -16.79
N GLU B 34 -29.20 -4.46 -15.76
CA GLU B 34 -29.68 -4.07 -14.42
C GLU B 34 -28.85 -2.91 -13.83
N ILE B 35 -27.54 -3.03 -13.95
CA ILE B 35 -26.61 -2.00 -13.47
C ILE B 35 -26.88 -0.69 -14.25
N THR B 36 -26.95 -0.78 -15.56
CA THR B 36 -27.23 0.38 -16.38
C THR B 36 -28.50 1.11 -15.92
N ASN B 37 -29.58 0.36 -15.73
CA ASN B 37 -30.86 0.92 -15.29
C ASN B 37 -30.73 1.64 -13.95
N LYS B 38 -29.99 1.03 -13.04
CA LYS B 38 -29.76 1.61 -11.71
C LYS B 38 -28.99 2.93 -11.85
N ILE B 39 -27.94 2.94 -12.66
CA ILE B 39 -27.12 4.14 -12.83
C ILE B 39 -28.05 5.28 -13.25
N LEU B 40 -28.91 4.97 -14.21
CA LEU B 40 -29.85 5.93 -14.75
C LEU B 40 -31.01 6.35 -13.85
N LYS B 41 -31.65 5.42 -13.15
CA LYS B 41 -32.83 5.76 -12.34
C LYS B 41 -32.87 5.66 -10.85
N GLU B 42 -31.81 5.17 -10.21
CA GLU B 42 -31.88 5.07 -8.77
C GLU B 42 -31.83 6.42 -8.06
N GLU B 43 -32.24 6.42 -6.78
CA GLU B 43 -32.20 7.60 -5.93
C GLU B 43 -30.74 8.08 -5.89
N PHE B 44 -30.56 9.38 -5.79
CA PHE B 44 -29.22 9.92 -5.74
C PHE B 44 -28.76 10.23 -4.34
N SER B 45 -28.35 9.18 -3.63
CA SER B 45 -27.86 9.32 -2.28
C SER B 45 -26.52 8.61 -2.24
N ALA B 46 -25.70 9.01 -1.29
CA ALA B 46 -24.38 8.42 -1.10
C ALA B 46 -24.51 6.91 -0.87
N GLU B 47 -25.57 6.51 -0.16
CA GLU B 47 -25.81 5.10 0.17
C GLU B 47 -26.10 4.30 -1.09
N GLU B 48 -27.00 4.78 -1.92
CA GLU B 48 -27.30 4.06 -3.18
C GLU B 48 -26.17 4.13 -4.21
N ASN B 49 -25.52 5.30 -4.32
CA ASN B 49 -24.42 5.46 -5.29
C ASN B 49 -23.26 4.50 -4.91
N PHE B 50 -23.00 4.36 -3.62
CA PHE B 50 -21.92 3.46 -3.20
C PHE B 50 -22.31 2.06 -3.59
N LEU B 51 -23.59 1.74 -3.38
CA LEU B 51 -24.09 0.39 -3.71
C LEU B 51 -23.92 0.05 -5.18
N ILE B 52 -24.26 1.01 -6.03
CA ILE B 52 -24.13 0.84 -7.48
C ILE B 52 -22.65 0.60 -7.88
N LEU B 53 -21.76 1.45 -7.37
CA LEU B 53 -20.32 1.35 -7.69
C LEU B 53 -19.76 0.02 -7.21
N THR B 54 -20.26 -0.43 -6.06
CA THR B 54 -19.86 -1.71 -5.47
C THR B 54 -20.27 -2.86 -6.40
N GLU B 55 -21.48 -2.78 -6.95
CA GLU B 55 -21.96 -3.82 -7.88
C GLU B 55 -21.09 -3.79 -9.15
N MET B 56 -20.76 -2.61 -9.60
CA MET B 56 -19.93 -2.43 -10.80
C MET B 56 -18.54 -2.96 -10.59
N ALA B 57 -17.98 -2.72 -9.40
CA ALA B 57 -16.63 -3.13 -9.06
C ALA B 57 -16.57 -4.67 -9.01
N THR B 58 -17.60 -5.25 -8.38
CA THR B 58 -17.73 -6.72 -8.29
C THR B 58 -17.78 -7.39 -9.67
N ASN B 59 -18.62 -6.87 -10.55
CA ASN B 59 -18.75 -7.37 -11.91
C ASN B 59 -17.42 -7.15 -12.62
N HIS B 60 -16.79 -6.02 -12.36
CA HIS B 60 -15.49 -5.80 -13.02
C HIS B 60 -14.42 -6.82 -12.64
N VAL B 61 -14.44 -7.31 -11.42
CA VAL B 61 -13.49 -8.33 -11.02
C VAL B 61 -13.70 -9.58 -11.88
N GLN B 62 -14.97 -9.91 -12.13
CA GLN B 62 -15.35 -11.06 -12.95
C GLN B 62 -14.85 -10.84 -14.38
N VAL B 63 -15.04 -9.62 -14.91
CA VAL B 63 -14.55 -9.28 -16.26
C VAL B 63 -13.02 -9.45 -16.28
N LEU B 64 -12.36 -9.02 -15.20
CA LEU B 64 -10.91 -9.11 -15.13
C LEU B 64 -10.39 -10.57 -15.06
N VAL B 65 -11.12 -11.44 -14.36
CA VAL B 65 -10.71 -12.84 -14.31
C VAL B 65 -10.86 -13.47 -15.73
N GLU B 66 -11.97 -13.20 -16.40
CA GLU B 66 -12.20 -13.76 -17.73
C GLU B 66 -11.13 -13.25 -18.72
N PHE B 67 -10.68 -12.01 -18.52
CA PHE B 67 -9.65 -11.43 -19.40
C PHE B 67 -8.32 -12.08 -19.10
N THR B 68 -8.03 -12.18 -17.82
CA THR B 68 -6.74 -12.69 -17.39
C THR B 68 -6.48 -14.14 -17.78
N LYS B 69 -7.47 -15.00 -17.50
CA LYS B 69 -7.33 -16.41 -17.83
C LYS B 69 -6.95 -16.60 -19.30
N LYS B 70 -7.33 -15.64 -20.14
CA LYS B 70 -7.01 -15.73 -21.57
C LYS B 70 -5.64 -15.17 -22.00
N LEU B 71 -4.95 -14.47 -21.11
CA LEU B 71 -3.61 -13.94 -21.43
C LEU B 71 -2.67 -15.17 -21.64
N PRO B 72 -1.96 -15.22 -22.79
CA PRO B 72 -1.06 -16.34 -23.03
C PRO B 72 -0.14 -16.65 -21.85
N GLY B 73 -0.15 -17.88 -21.38
CA GLY B 73 0.75 -18.25 -20.29
C GLY B 73 0.25 -18.10 -18.86
N PHE B 74 -0.88 -17.42 -18.68
CA PHE B 74 -1.42 -17.20 -17.33
C PHE B 74 -1.73 -18.47 -16.57
N GLN B 75 -2.42 -19.40 -17.21
CA GLN B 75 -2.81 -20.63 -16.53
C GLN B 75 -1.63 -21.56 -16.26
N THR B 76 -0.44 -21.14 -16.65
CA THR B 76 0.74 -21.95 -16.39
C THR B 76 1.26 -21.60 -15.02
N LEU B 77 0.79 -20.47 -14.48
CA LEU B 77 1.20 -20.01 -13.15
C LEU B 77 0.53 -20.81 -12.05
N ASP B 78 1.18 -20.91 -10.89
CA ASP B 78 0.62 -21.63 -9.74
C ASP B 78 -0.75 -21.03 -9.42
N HIS B 79 -1.64 -21.83 -8.82
CA HIS B 79 -2.98 -21.36 -8.46
C HIS B 79 -2.93 -20.16 -7.52
N GLU B 80 -1.99 -20.18 -6.60
CA GLU B 80 -1.85 -19.11 -5.64
C GLU B 80 -1.29 -17.83 -6.24
N ASP B 81 -0.43 -17.96 -7.24
CA ASP B 81 0.16 -16.80 -7.88
C ASP B 81 -0.92 -16.14 -8.73
N GLN B 82 -1.80 -16.95 -9.29
CA GLN B 82 -2.90 -16.42 -10.07
C GLN B 82 -3.79 -15.52 -9.14
N ILE B 83 -4.12 -16.03 -7.97
CA ILE B 83 -4.95 -15.30 -7.02
C ILE B 83 -4.18 -14.04 -6.63
N ALA B 84 -2.88 -14.20 -6.37
CA ALA B 84 -2.04 -13.08 -5.96
C ALA B 84 -2.12 -11.94 -6.99
N LEU B 85 -2.02 -12.30 -8.26
CA LEU B 85 -2.05 -11.29 -9.32
C LEU B 85 -3.42 -10.61 -9.39
N LEU B 86 -4.52 -11.37 -9.34
CA LEU B 86 -5.81 -10.72 -9.43
C LEU B 86 -6.02 -9.80 -8.23
N LYS B 87 -5.73 -10.31 -7.05
CA LYS B 87 -5.88 -9.55 -5.79
C LYS B 87 -5.04 -8.28 -5.80
N GLY B 88 -3.78 -8.38 -6.23
CA GLY B 88 -2.88 -7.23 -6.26
C GLY B 88 -3.18 -6.16 -7.33
N SER B 89 -3.78 -6.56 -8.43
CA SER B 89 -4.03 -5.62 -9.54
C SER B 89 -5.41 -5.04 -9.63
N ALA B 90 -6.34 -5.59 -8.85
CA ALA B 90 -7.77 -5.15 -8.96
C ALA B 90 -7.96 -3.65 -8.98
N VAL B 91 -7.38 -2.98 -7.98
CA VAL B 91 -7.54 -1.52 -7.90
C VAL B 91 -6.99 -0.79 -9.13
N GLU B 92 -5.72 -1.02 -9.47
CA GLU B 92 -5.13 -0.33 -10.64
C GLU B 92 -5.97 -0.62 -11.87
N ALA B 93 -6.35 -1.89 -12.08
CA ALA B 93 -7.19 -2.23 -13.24
C ALA B 93 -8.50 -1.46 -13.25
N MET B 94 -9.14 -1.35 -12.09
CA MET B 94 -10.42 -0.65 -12.00
C MET B 94 -10.23 0.85 -12.33
N PHE B 95 -9.17 1.46 -11.82
CA PHE B 95 -8.95 2.89 -12.11
C PHE B 95 -8.55 3.15 -13.55
N LEU B 96 -7.87 2.17 -14.16
CA LEU B 96 -7.51 2.29 -15.58
C LEU B 96 -8.78 2.15 -16.42
N ARG B 97 -9.66 1.21 -16.03
CA ARG B 97 -10.91 1.02 -16.74
C ARG B 97 -11.76 2.28 -16.61
N SER B 98 -11.85 2.86 -15.41
CA SER B 98 -12.63 4.09 -15.25
C SER B 98 -12.06 5.26 -16.10
N ALA B 99 -10.73 5.33 -16.18
CA ALA B 99 -10.09 6.37 -17.01
C ALA B 99 -10.55 6.19 -18.48
N GLU B 100 -10.44 4.97 -18.99
CA GLU B 100 -10.85 4.67 -20.35
C GLU B 100 -12.32 5.05 -20.63
N ILE B 101 -13.21 4.61 -19.76
CA ILE B 101 -14.63 4.84 -19.97
C ILE B 101 -14.98 6.33 -19.90
N PHE B 102 -14.40 7.02 -18.94
CA PHE B 102 -14.71 8.43 -18.79
C PHE B 102 -14.22 9.27 -19.94
N ASN B 103 -13.24 8.75 -20.65
CA ASN B 103 -12.71 9.49 -21.81
C ASN B 103 -13.39 9.08 -23.13
N LYS B 104 -14.40 8.20 -23.06
CA LYS B 104 -15.13 7.81 -24.30
C LYS B 104 -16.23 8.87 -24.38
N LYS B 105 -16.49 9.41 -25.55
CA LYS B 105 -17.55 10.42 -25.61
C LYS B 105 -18.97 9.88 -25.92
N LEU B 106 -19.07 8.60 -26.30
CA LEU B 106 -20.38 8.00 -26.62
C LEU B 106 -20.78 6.79 -25.81
N PRO B 107 -22.09 6.57 -25.66
CA PRO B 107 -23.12 7.47 -26.22
C PRO B 107 -23.19 8.77 -25.43
N SER B 108 -23.63 9.83 -26.10
CA SER B 108 -23.74 11.15 -25.48
C SER B 108 -24.32 11.09 -24.05
N GLY B 109 -23.59 11.65 -23.09
CA GLY B 109 -23.98 11.71 -21.68
C GLY B 109 -23.82 10.41 -20.91
N HIS B 110 -23.39 9.36 -21.60
CA HIS B 110 -23.25 8.05 -20.99
C HIS B 110 -22.78 7.92 -19.54
N SER B 111 -21.75 8.69 -19.19
CA SER B 111 -21.14 8.64 -17.86
C SER B 111 -21.47 9.84 -17.00
N ASP B 112 -22.29 10.76 -17.47
CA ASP B 112 -22.56 11.97 -16.71
C ASP B 112 -23.17 11.71 -15.35
N LEU B 113 -24.19 10.85 -15.30
CA LEU B 113 -24.81 10.58 -14.01
C LEU B 113 -23.86 9.74 -13.17
N LEU B 114 -23.10 8.88 -13.84
CA LEU B 114 -22.13 8.01 -13.19
C LEU B 114 -21.03 8.85 -12.55
N GLU B 115 -20.56 9.88 -13.25
CA GLU B 115 -19.52 10.75 -12.67
C GLU B 115 -20.11 11.42 -11.44
N GLU B 116 -21.38 11.86 -11.54
CA GLU B 116 -22.00 12.49 -10.39
C GLU B 116 -22.15 11.56 -9.24
N ARG B 117 -22.40 10.29 -9.56
CA ARG B 117 -22.60 9.30 -8.52
C ARG B 117 -21.28 9.05 -7.79
N ILE B 118 -20.20 8.99 -8.55
CA ILE B 118 -18.86 8.84 -7.98
C ILE B 118 -18.58 10.01 -7.02
N ARG B 119 -18.93 11.22 -7.45
CA ARG B 119 -18.75 12.42 -6.59
C ARG B 119 -19.64 12.44 -5.35
N ASN B 120 -20.64 11.56 -5.30
CA ASN B 120 -21.49 11.51 -4.13
C ASN B 120 -21.69 10.06 -3.73
N SER B 121 -20.59 9.42 -3.32
CA SER B 121 -20.58 8.00 -2.96
C SER B 121 -19.74 7.74 -1.71
N GLY B 122 -19.49 8.78 -0.92
CA GLY B 122 -18.70 8.65 0.30
C GLY B 122 -17.17 8.71 0.10
N ILE B 123 -16.72 9.20 -1.04
CA ILE B 123 -15.27 9.32 -1.30
C ILE B 123 -14.90 10.74 -0.87
N SER B 124 -13.89 10.88 -0.02
CA SER B 124 -13.47 12.19 0.44
C SER B 124 -12.92 13.06 -0.71
N ASP B 125 -13.10 14.36 -0.60
CA ASP B 125 -12.64 15.33 -1.58
C ASP B 125 -11.17 15.19 -1.86
N GLU B 126 -10.36 14.76 -0.90
CA GLU B 126 -8.93 14.62 -1.20
C GLU B 126 -8.63 13.50 -2.21
N TYR B 127 -9.58 12.61 -2.46
CA TYR B 127 -9.35 11.49 -3.40
C TYR B 127 -10.06 11.73 -4.70
N ILE B 128 -11.07 12.61 -4.63
CA ILE B 128 -11.80 12.99 -5.82
C ILE B 128 -10.81 13.72 -6.77
N THR B 129 -10.04 14.68 -6.23
CA THR B 129 -9.06 15.39 -7.07
C THR B 129 -8.07 14.51 -7.85
N PRO B 130 -7.31 13.65 -7.15
CA PRO B 130 -6.41 12.88 -8.02
C PRO B 130 -7.12 11.95 -9.01
N MET B 131 -8.28 11.42 -8.63
CA MET B 131 -8.97 10.52 -9.52
C MET B 131 -9.27 11.26 -10.85
N PHE B 132 -9.89 12.46 -10.78
CA PHE B 132 -10.23 13.21 -12.00
C PHE B 132 -9.05 13.79 -12.73
N SER B 133 -7.98 14.12 -12.00
CA SER B 133 -6.75 14.57 -12.63
C SER B 133 -6.16 13.41 -13.45
N PHE B 134 -6.13 12.20 -12.89
CA PHE B 134 -5.64 11.00 -13.63
C PHE B 134 -6.50 10.79 -14.89
N TYR B 135 -7.82 10.86 -14.78
CA TYR B 135 -8.71 10.71 -15.97
C TYR B 135 -8.36 11.70 -17.10
N LYS B 136 -8.19 12.95 -16.68
CA LYS B 136 -7.79 14.03 -17.60
C LYS B 136 -6.46 13.74 -18.26
N SER B 137 -5.49 13.25 -17.50
CA SER B 137 -4.15 12.94 -18.02
C SER B 137 -4.18 11.79 -19.03
N ILE B 138 -4.96 10.76 -18.69
CA ILE B 138 -5.13 9.63 -19.61
C ILE B 138 -5.80 10.15 -20.92
N GLY B 139 -6.86 10.93 -20.80
CA GLY B 139 -7.56 11.44 -21.96
C GLY B 139 -6.67 12.21 -22.92
N GLU B 140 -5.71 12.96 -22.36
CA GLU B 140 -4.80 13.77 -23.19
C GLU B 140 -3.99 12.87 -24.11
N LEU B 141 -3.77 11.65 -23.65
CA LEU B 141 -2.96 10.68 -24.41
C LEU B 141 -3.61 10.05 -25.63
N LYS B 142 -4.93 10.14 -25.72
CA LYS B 142 -5.68 9.59 -26.87
C LYS B 142 -5.27 8.16 -27.14
N MET B 143 -5.31 7.34 -26.09
CA MET B 143 -4.89 5.96 -26.24
C MET B 143 -5.77 5.18 -27.18
N THR B 144 -5.18 4.17 -27.85
CA THR B 144 -5.90 3.32 -28.76
C THR B 144 -6.40 2.14 -27.94
N GLN B 145 -7.26 1.34 -28.57
CA GLN B 145 -7.77 0.14 -27.89
C GLN B 145 -6.60 -0.78 -27.61
N GLU B 146 -5.67 -0.95 -28.58
CA GLU B 146 -4.51 -1.80 -28.31
C GLU B 146 -3.74 -1.28 -27.11
N GLU B 147 -3.55 0.05 -27.00
CA GLU B 147 -2.82 0.60 -25.83
C GLU B 147 -3.56 0.29 -24.50
N TYR B 148 -4.87 0.53 -24.44
CA TYR B 148 -5.61 0.20 -23.18
C TYR B 148 -5.53 -1.30 -22.87
N ALA B 149 -5.70 -2.13 -23.90
CA ALA B 149 -5.64 -3.61 -23.68
C ALA B 149 -4.29 -4.11 -23.15
N LEU B 150 -3.20 -3.65 -23.77
CA LEU B 150 -1.87 -4.03 -23.36
C LEU B 150 -1.57 -3.48 -21.97
N LEU B 151 -1.93 -2.24 -21.75
CA LEU B 151 -1.65 -1.65 -20.44
C LEU B 151 -2.42 -2.44 -19.35
N THR B 152 -3.65 -2.82 -19.63
CA THR B 152 -4.44 -3.60 -18.66
C THR B 152 -3.72 -4.92 -18.39
N ALA B 153 -3.28 -5.60 -19.46
CA ALA B 153 -2.56 -6.85 -19.26
C ALA B 153 -1.27 -6.65 -18.47
N ILE B 154 -0.58 -5.54 -18.74
CA ILE B 154 0.70 -5.25 -18.06
C ILE B 154 0.51 -4.97 -16.57
N VAL B 155 -0.58 -4.28 -16.25
CA VAL B 155 -0.95 -4.02 -14.84
C VAL B 155 -1.24 -5.36 -14.13
N ILE B 156 -2.04 -6.22 -14.76
CA ILE B 156 -2.39 -7.51 -14.17
C ILE B 156 -1.14 -8.38 -13.98
N LEU B 157 -0.28 -8.42 -15.00
CA LEU B 157 0.96 -9.20 -14.97
C LEU B 157 2.15 -8.51 -14.33
N SER B 158 1.93 -7.80 -13.22
CA SER B 158 3.03 -7.11 -12.55
C SER B 158 3.69 -8.10 -11.61
N PRO B 159 5.02 -8.32 -11.75
CA PRO B 159 5.77 -9.30 -10.95
C PRO B 159 5.99 -8.92 -9.51
N ASP B 160 5.58 -7.71 -9.11
CA ASP B 160 5.84 -7.34 -7.71
C ASP B 160 4.69 -7.27 -6.75
N ARG B 161 3.59 -7.96 -7.04
CA ARG B 161 2.48 -7.94 -6.10
C ARG B 161 2.94 -8.66 -4.82
N GLN B 162 2.30 -8.32 -3.72
CA GLN B 162 2.61 -8.85 -2.41
C GLN B 162 3.01 -10.31 -2.22
N TYR B 163 2.11 -11.24 -2.59
CA TYR B 163 2.36 -12.67 -2.32
C TYR B 163 2.88 -13.55 -3.44
N ILE B 164 3.42 -12.94 -4.49
CA ILE B 164 3.92 -13.72 -5.61
C ILE B 164 5.09 -14.59 -5.22
N LYS B 165 5.00 -15.87 -5.51
CA LYS B 165 6.11 -16.77 -5.21
C LYS B 165 7.14 -16.67 -6.34
N ASP B 166 6.71 -17.12 -7.51
CA ASP B 166 7.51 -17.14 -8.73
C ASP B 166 7.37 -15.84 -9.55
N ARG B 167 8.10 -14.82 -9.12
CA ARG B 167 8.11 -13.52 -9.76
C ARG B 167 8.71 -13.57 -11.16
N GLU B 168 9.69 -14.48 -11.32
CA GLU B 168 10.34 -14.63 -12.62
C GLU B 168 9.38 -15.08 -13.70
N ALA B 169 8.50 -16.01 -13.37
CA ALA B 169 7.54 -16.50 -14.33
C ALA B 169 6.59 -15.37 -14.74
N VAL B 170 6.24 -14.50 -13.81
CA VAL B 170 5.33 -13.37 -14.17
C VAL B 170 6.08 -12.33 -15.03
N GLU B 171 7.29 -12.00 -14.65
CA GLU B 171 8.11 -11.06 -15.41
C GLU B 171 8.28 -11.51 -16.87
N LYS B 172 8.36 -12.83 -17.06
CA LYS B 172 8.52 -13.39 -18.40
C LYS B 172 7.25 -13.23 -19.25
N LEU B 173 6.09 -13.14 -18.61
CA LEU B 173 4.88 -12.95 -19.38
C LEU B 173 4.75 -11.44 -19.57
N GLN B 174 5.10 -10.66 -18.56
CA GLN B 174 4.96 -9.21 -18.68
C GLN B 174 5.89 -8.53 -19.68
N GLU B 175 7.13 -8.98 -19.78
CA GLU B 175 8.10 -8.35 -20.68
C GLU B 175 7.71 -8.28 -22.15
N PRO B 176 7.26 -9.39 -22.72
CA PRO B 176 6.84 -9.36 -24.13
C PRO B 176 5.70 -8.38 -24.38
N LEU B 177 4.86 -8.14 -23.39
CA LEU B 177 3.71 -7.22 -23.50
C LEU B 177 4.20 -5.78 -23.56
N LEU B 178 5.21 -5.49 -22.74
CA LEU B 178 5.83 -4.17 -22.75
C LEU B 178 6.56 -3.94 -24.08
N ASP B 179 7.18 -4.98 -24.64
CA ASP B 179 7.85 -4.79 -25.95
C ASP B 179 6.84 -4.44 -27.05
N VAL B 180 5.71 -5.14 -27.10
CA VAL B 180 4.69 -4.85 -28.07
C VAL B 180 4.14 -3.41 -27.87
N LEU B 181 3.88 -3.05 -26.60
CA LEU B 181 3.35 -1.72 -26.29
C LEU B 181 4.30 -0.63 -26.81
N GLN B 182 5.58 -0.81 -26.55
CA GLN B 182 6.59 0.14 -26.99
C GLN B 182 6.60 0.31 -28.51
N LYS B 183 6.42 -0.79 -29.25
CA LYS B 183 6.39 -0.70 -30.71
C LYS B 183 5.15 0.04 -31.18
N LEU B 184 4.01 -0.29 -30.59
CA LEU B 184 2.78 0.38 -30.94
C LEU B 184 2.82 1.86 -30.61
N CYS B 185 3.52 2.22 -29.52
CA CYS B 185 3.58 3.63 -29.11
C CYS B 185 4.21 4.52 -30.17
N LYS B 186 5.01 3.89 -31.04
CA LYS B 186 5.67 4.57 -32.16
C LYS B 186 4.68 5.13 -33.17
N ILE B 187 3.53 4.48 -33.31
CA ILE B 187 2.44 4.94 -34.17
C ILE B 187 1.89 6.13 -33.45
N HIS B 188 1.05 6.95 -34.09
CA HIS B 188 0.38 8.05 -33.35
C HIS B 188 -0.37 9.21 -34.01
N GLN B 189 -0.86 10.06 -33.10
CA GLN B 189 -1.65 11.24 -33.42
C GLN B 189 -0.71 12.37 -33.89
N PRO B 190 -0.65 13.53 -33.19
CA PRO B 190 0.29 14.52 -33.75
C PRO B 190 1.71 13.99 -33.91
N GLU B 191 1.93 12.82 -33.29
CA GLU B 191 3.17 12.05 -33.30
C GLU B 191 3.60 11.59 -31.92
N ASN B 192 4.03 12.56 -31.11
CA ASN B 192 4.52 12.32 -29.76
C ASN B 192 5.49 11.18 -29.50
N PRO B 193 6.77 11.41 -29.77
CA PRO B 193 7.90 10.47 -29.60
C PRO B 193 8.08 10.03 -28.16
N GLN B 194 7.50 10.77 -27.23
CA GLN B 194 7.60 10.41 -25.81
C GLN B 194 6.34 9.61 -25.37
N HIS B 195 5.49 9.24 -26.31
CA HIS B 195 4.25 8.56 -25.92
C HIS B 195 4.42 7.37 -24.98
N PHE B 196 5.35 6.46 -25.28
CA PHE B 196 5.60 5.32 -24.40
C PHE B 196 6.06 5.77 -23.01
N ALA B 197 7.00 6.70 -22.95
CA ALA B 197 7.46 7.20 -21.63
C ALA B 197 6.29 7.83 -20.85
N CYS B 198 5.35 8.46 -21.55
CA CYS B 198 4.21 9.06 -20.86
C CYS B 198 3.34 7.95 -20.31
N LEU B 199 3.16 6.86 -21.06
CA LEU B 199 2.33 5.73 -20.57
C LEU B 199 2.99 5.16 -19.34
N LEU B 200 4.32 5.07 -19.33
CA LEU B 200 5.00 4.55 -18.13
C LEU B 200 4.75 5.45 -16.92
N GLY B 201 4.81 6.75 -17.13
CA GLY B 201 4.55 7.77 -16.13
C GLY B 201 3.14 7.64 -15.60
N ARG B 202 2.18 7.36 -16.48
CA ARG B 202 0.78 7.18 -16.07
C ARG B 202 0.62 5.90 -15.26
N LEU B 203 1.45 4.89 -15.59
CA LEU B 203 1.43 3.62 -14.84
C LEU B 203 1.92 3.90 -13.41
N THR B 204 2.95 4.73 -13.28
CA THR B 204 3.44 5.13 -11.95
C THR B 204 2.32 5.81 -11.18
N GLU B 205 1.61 6.75 -11.82
CA GLU B 205 0.51 7.48 -11.17
C GLU B 205 -0.63 6.50 -10.83
N LEU B 206 -0.87 5.52 -11.71
CA LEU B 206 -1.92 4.53 -11.43
C LEU B 206 -1.67 3.76 -10.11
N ARG B 207 -0.40 3.48 -9.80
CA ARG B 207 -0.08 2.75 -8.61
C ARG B 207 -0.42 3.54 -7.34
N THR B 208 -0.46 4.86 -7.44
CA THR B 208 -0.74 5.66 -6.23
C THR B 208 -2.16 5.34 -5.80
N PHE B 209 -2.98 4.83 -6.73
CA PHE B 209 -4.35 4.48 -6.36
C PHE B 209 -4.53 3.34 -5.33
N ASN B 210 -3.50 2.51 -5.17
CA ASN B 210 -3.56 1.45 -4.18
C ASN B 210 -3.69 2.14 -2.82
N HIS B 211 -2.97 3.23 -2.64
CA HIS B 211 -3.08 3.99 -1.38
C HIS B 211 -4.38 4.74 -1.27
N HIS B 212 -4.79 5.45 -2.32
CA HIS B 212 -6.03 6.23 -2.29
C HIS B 212 -7.19 5.31 -1.99
N HIS B 213 -7.20 4.15 -2.66
CA HIS B 213 -8.28 3.19 -2.44
C HIS B 213 -8.27 2.61 -1.01
N ALA B 214 -7.07 2.39 -0.46
CA ALA B 214 -6.94 1.89 0.91
C ALA B 214 -7.56 2.89 1.88
N GLU B 215 -7.32 4.17 1.63
CA GLU B 215 -7.86 5.29 2.42
C GLU B 215 -9.39 5.33 2.24
N MET B 216 -9.87 5.12 1.01
CA MET B 216 -11.33 5.12 0.79
C MET B 216 -12.02 4.00 1.56
N LEU B 217 -11.43 2.83 1.57
CA LEU B 217 -12.01 1.67 2.29
C LEU B 217 -12.07 1.97 3.79
N MET B 218 -11.04 2.63 4.30
CA MET B 218 -11.02 2.94 5.73
C MET B 218 -12.19 3.86 6.08
N SER B 219 -12.40 4.88 5.23
CA SER B 219 -13.48 5.82 5.46
C SER B 219 -14.83 5.13 5.22
N TRP B 220 -14.92 4.28 4.20
CA TRP B 220 -16.19 3.58 3.95
C TRP B 220 -16.53 2.64 5.10
N ARG B 221 -15.50 2.02 5.68
CA ARG B 221 -15.67 1.09 6.79
C ARG B 221 -16.26 1.79 8.01
N VAL B 222 -15.71 2.95 8.38
CA VAL B 222 -16.24 3.64 9.54
C VAL B 222 -17.62 4.19 9.33
N ASN B 223 -18.01 4.32 8.07
CA ASN B 223 -19.32 4.82 7.78
C ASN B 223 -20.30 3.72 7.51
N ASP B 224 -19.95 2.52 7.98
CA ASP B 224 -20.83 1.38 7.85
C ASP B 224 -21.23 0.98 6.45
N HIS B 225 -20.31 1.13 5.51
CA HIS B 225 -20.63 0.71 4.16
C HIS B 225 -20.28 -0.79 4.07
N LYS B 226 -21.11 -1.54 3.36
CA LYS B 226 -20.97 -2.98 3.20
C LYS B 226 -20.55 -3.37 1.76
N PHE B 227 -19.59 -4.27 1.68
CA PHE B 227 -19.04 -4.74 0.40
C PHE B 227 -19.54 -6.15 0.12
N THR B 228 -19.46 -6.56 -1.14
CA THR B 228 -19.89 -7.91 -1.50
C THR B 228 -18.79 -8.89 -1.02
N PRO B 229 -19.14 -10.19 -0.89
CA PRO B 229 -18.14 -11.17 -0.44
C PRO B 229 -16.89 -11.16 -1.32
N LEU B 230 -17.07 -11.14 -2.62
CA LEU B 230 -15.87 -11.17 -3.47
C LEU B 230 -14.92 -9.98 -3.17
N LEU B 231 -15.45 -8.76 -3.09
CA LEU B 231 -14.57 -7.61 -2.75
C LEU B 231 -13.98 -7.76 -1.37
N CYS B 232 -14.77 -8.33 -0.45
CA CYS B 232 -14.29 -8.57 0.89
C CYS B 232 -13.06 -9.46 0.87
N GLU B 233 -13.11 -10.54 0.09
CA GLU B 233 -11.96 -11.43 0.00
C GLU B 233 -10.76 -10.68 -0.54
N ILE B 234 -10.99 -10.02 -1.67
CA ILE B 234 -9.89 -9.29 -2.34
C ILE B 234 -9.20 -8.25 -1.53
N TRP B 235 -9.96 -7.45 -0.80
CA TRP B 235 -9.37 -6.35 -0.01
C TRP B 235 -9.30 -6.59 1.51
N ASP B 236 -9.32 -7.87 1.90
CA ASP B 236 -9.27 -8.31 3.31
C ASP B 236 -10.03 -7.38 4.24
N VAL B 237 -11.32 -7.16 3.98
CA VAL B 237 -12.11 -6.26 4.81
C VAL B 237 -12.63 -6.91 6.08
N GLU C 10 18.53 -6.14 -3.94
CA GLU C 10 18.62 -4.70 -3.75
C GLU C 10 20.09 -4.26 -3.74
N ARG C 11 20.45 -3.17 -4.43
CA ARG C 11 19.59 -2.16 -5.10
C ARG C 11 19.39 -1.06 -4.05
N HIS C 12 19.01 -1.49 -2.85
CA HIS C 12 18.88 -0.62 -1.68
C HIS C 12 20.27 -0.78 -1.12
N LYS C 13 21.23 -0.11 -1.76
CA LYS C 13 22.64 -0.24 -1.39
C LYS C 13 22.94 0.19 0.04
N ILE C 14 22.45 1.37 0.41
CA ILE C 14 22.68 1.91 1.75
C ILE C 14 22.10 1.00 2.82
N LEU C 15 20.86 0.57 2.62
CA LEU C 15 20.24 -0.29 3.61
C LEU C 15 21.05 -1.57 3.69
N HIS C 16 21.50 -2.08 2.54
CA HIS C 16 22.33 -3.29 2.54
C HIS C 16 23.62 -2.94 3.29
N ARG C 17 24.14 -1.74 3.05
CA ARG C 17 25.35 -1.25 3.71
C ARG C 17 25.27 -1.33 5.22
N LEU C 18 24.81 -0.26 5.87
CA LEU C 18 24.70 -0.21 7.34
C LEU C 18 24.11 -1.47 8.01
N LEU C 19 23.62 -2.40 7.20
CA LEU C 19 23.13 -3.67 7.70
C LEU C 19 24.36 -4.63 7.62
N GLN C 20 25.55 -4.03 7.73
CA GLN C 20 26.86 -4.69 7.62
C GLN C 20 26.88 -6.12 7.13
N THR D 9 -2.80 -18.18 1.65
CA THR D 9 -3.53 -19.35 1.20
C THR D 9 -5.01 -19.07 1.27
N GLU D 10 -5.69 -19.17 0.13
CA GLU D 10 -7.15 -18.99 0.04
C GLU D 10 -7.89 -19.46 1.31
N ARG D 11 -8.48 -18.56 2.12
CA ARG D 11 -8.48 -17.09 1.99
C ARG D 11 -9.22 -16.37 0.86
N HIS D 12 -9.26 -16.96 -0.33
CA HIS D 12 -9.97 -16.37 -1.46
C HIS D 12 -10.69 -17.45 -2.20
N LYS D 13 -11.66 -18.04 -1.51
CA LYS D 13 -12.51 -19.14 -1.99
C LYS D 13 -13.34 -18.75 -3.19
N ILE D 14 -13.93 -17.55 -3.16
CA ILE D 14 -14.70 -17.10 -4.31
C ILE D 14 -13.79 -16.82 -5.51
N LEU D 15 -12.68 -16.13 -5.27
CA LEU D 15 -11.76 -15.80 -6.36
C LEU D 15 -11.16 -17.07 -6.98
N HIS D 16 -10.70 -17.97 -6.13
CA HIS D 16 -10.11 -19.24 -6.57
C HIS D 16 -11.09 -20.00 -7.44
N ARG D 17 -12.34 -19.96 -7.02
CA ARG D 17 -13.42 -20.60 -7.71
C ARG D 17 -13.64 -19.97 -9.09
N LEU D 18 -13.70 -18.66 -9.18
CA LEU D 18 -13.92 -18.09 -10.50
C LEU D 18 -12.70 -18.20 -11.42
N LEU D 19 -11.52 -18.31 -10.82
CA LEU D 19 -10.31 -18.49 -11.61
C LEU D 19 -10.32 -19.96 -12.10
N GLN D 20 -10.79 -20.83 -11.19
CA GLN D 20 -10.87 -22.28 -11.41
C GLN D 20 -9.59 -23.02 -11.07
Y YT3 E . -7.50 18.00 3.51
C1 MUF F . 11.51 9.98 15.51
C2 MUF F . 12.06 9.26 16.78
C3 MUF F . 11.40 9.83 18.03
C4 MUF F . 10.20 10.48 17.99
C5 MUF F . 9.43 10.68 16.77
C6 MUF F . 8.33 11.49 16.78
C7 MUF F . 7.47 11.71 15.55
C8 MUF F . 7.85 10.92 14.24
C9 MUF F . 9.39 10.74 14.17
C10 MUF F . 9.92 9.97 15.47
C11 MUF F . 9.82 9.98 12.87
C12 MUF F . 9.28 10.70 11.62
C13 MUF F . 7.71 10.89 11.66
C14 MUF F . 7.36 11.65 12.98
C15 MUF F . 5.84 11.83 12.85
C16 MUF F . 5.63 12.01 11.32
C17 MUF F . 7.05 11.89 10.68
C18 MUF F . 7.07 9.43 11.58
C19 MUF F . 9.38 8.47 15.47
C20 MUF F . 7.21 11.30 9.26
O52 MUF F . 6.50 10.36 8.91
C28 MUF F . 12.03 9.76 19.34
O76 MUF F . 12.98 8.82 19.38
O82 MUF F . 11.74 10.47 20.29
C52 MUF F . 8.23 11.80 8.29
C53 MUF F . 8.76 13.13 8.34
C54 MUF F . 9.73 13.52 7.39
C55 MUF F . 10.16 12.62 6.40
C56 MUF F . 9.64 11.31 6.32
C57 MUF F . 8.67 10.90 7.28
O57 MUF F . 11.09 13.06 5.50
Y YT3 G . -10.83 16.40 3.02
C1 MUF H . -16.72 -0.16 -13.00
C2 MUF H . -16.65 -0.75 -14.44
C3 MUF H . -16.79 0.37 -15.46
C4 MUF H . -16.55 1.68 -15.15
C5 MUF H . -16.16 2.13 -13.80
C6 MUF H . -16.20 3.45 -13.47
C7 MUF H . -15.80 3.99 -12.11
C8 MUF H . -15.20 2.97 -11.08
C9 MUF H . -15.89 1.58 -11.27
C10 MUF H . -15.73 1.07 -12.77
C11 MUF H . -15.36 0.50 -10.27
C12 MUF H . -15.48 1.05 -8.83
C13 MUF H . -14.70 2.41 -8.63
C14 MUF H . -15.32 3.44 -9.62
C15 MUF H . -14.61 4.78 -9.28
C16 MUF H . -14.35 4.65 -7.74
C17 MUF H . -14.93 3.24 -7.34
C18 MUF H . -13.19 2.06 -8.83
C19 MUF H . -14.22 0.67 -13.04
C20 MUF H . -14.31 2.47 -6.18
O52 MUF H . -13.14 2.63 -5.84
C28 MUF H . -17.19 0.11 -16.86
O76 MUF H . -16.68 -1.05 -17.31
O82 MUF H . -17.91 0.84 -17.53
C52 MUF H . -15.12 1.47 -5.42
C53 MUF H . -16.52 1.63 -5.22
C54 MUF H . -17.19 0.67 -4.45
C55 MUF H . -16.53 -0.42 -3.90
C56 MUF H . -15.13 -0.60 -4.10
C57 MUF H . -14.43 0.36 -4.86
O57 MUF H . -17.28 -1.33 -3.17
#